data_6PY4
#
_entry.id   6PY4
#
_cell.length_a   70.210
_cell.length_b   71.440
_cell.length_c   112.770
_cell.angle_alpha   90.000
_cell.angle_beta   90.000
_cell.angle_gamma   90.000
#
_symmetry.space_group_name_H-M   'I 21 21 21'
#
loop_
_entity.id
_entity.type
_entity.pdbx_description
1 polymer 'Putative methyl-accepting chemotaxis protein'
2 non-polymer LEUCINE
3 water water
#
_entity_poly.entity_id   1
_entity_poly.type   'polypeptide(L)'
_entity_poly.pdbx_seq_one_letter_code
;GIDPFTQRNAIREDLDNYLNEMGEVTADNIQTWLSGRILLIENAAQNIAINPEPAAVASLLEQKALTSTFMASYLGDATG
HFTIRPDAKMPDGFDPRVRPWYKGAESSSTSTLTEPYIDAATGQTIISIATAAKKAGQSVGVVGGDLSLQTLINTLSARD
FSGMGYAFLVSADGKILVHPDKALVMKSLKEAYPQDTPRISSDFSEVTVDGKTRIVNFTPIKGLPSVNWYIGLSVDKDKA
FSMLSEFRTS
;
_entity_poly.pdbx_strand_id   A
#
# COMPACT_ATOMS: atom_id res chain seq x y z
N ARG A 8 -22.26 23.68 18.88
CA ARG A 8 -21.14 22.91 18.24
C ARG A 8 -19.75 23.46 18.60
N ASN A 9 -19.61 24.79 18.73
CA ASN A 9 -18.37 25.39 19.21
C ASN A 9 -18.03 25.12 20.69
N ALA A 10 -18.69 24.15 21.32
CA ALA A 10 -18.38 23.69 22.67
C ALA A 10 -17.80 22.26 22.69
N ILE A 11 -18.39 21.35 21.92
CA ILE A 11 -17.95 19.96 21.82
C ILE A 11 -17.01 19.71 20.62
N ARG A 12 -16.52 20.80 20.02
CA ARG A 12 -15.65 20.72 18.85
C ARG A 12 -14.33 20.01 19.18
N GLU A 13 -13.71 20.37 20.31
CA GLU A 13 -12.50 19.71 20.78
C GLU A 13 -12.77 18.25 21.12
N ASP A 14 -14.01 17.98 21.51
CA ASP A 14 -14.46 16.62 21.74
C ASP A 14 -14.42 15.79 20.45
N LEU A 15 -15.07 16.31 19.41
CA LEU A 15 -15.15 15.61 18.11
C LEU A 15 -13.74 15.32 17.54
N ASP A 16 -12.88 16.32 17.59
CA ASP A 16 -11.46 16.21 17.28
C ASP A 16 -10.83 14.98 17.91
N ASN A 17 -11.06 14.79 19.20
CA ASN A 17 -10.53 13.61 19.91
C ASN A 17 -11.06 12.29 19.38
N TYR A 18 -12.35 12.19 19.10
CA TYR A 18 -12.88 10.95 18.50
C TYR A 18 -12.26 10.67 17.11
N LEU A 19 -12.17 11.70 16.27
CA LEU A 19 -11.67 11.54 14.91
C LEU A 19 -10.21 11.16 14.91
N ASN A 20 -9.44 11.76 15.80
CA ASN A 20 -8.05 11.36 15.98
C ASN A 20 -7.89 9.92 16.44
N GLU A 21 -8.75 9.51 17.36
CA GLU A 21 -8.70 8.15 17.88
C GLU A 21 -9.03 7.18 16.75
N MET A 22 -10.05 7.50 15.95
CA MET A 22 -10.47 6.59 14.91
C MET A 22 -9.37 6.44 13.85
N GLY A 23 -8.73 7.54 13.46
CA GLY A 23 -7.55 7.53 12.57
C GLY A 23 -6.39 6.67 13.06
N GLU A 24 -6.08 6.77 14.34
CA GLU A 24 -4.99 5.97 14.91
C GLU A 24 -5.30 4.48 14.93
N VAL A 25 -6.53 4.16 15.27
CA VAL A 25 -6.96 2.77 15.27
C VAL A 25 -6.88 2.19 13.84
N THR A 26 -7.36 2.97 12.88
CA THR A 26 -7.43 2.51 11.53
C THR A 26 -6.03 2.36 11.01
N ALA A 27 -5.15 3.34 11.26
CA ALA A 27 -3.75 3.23 10.88
C ALA A 27 -3.09 1.98 11.49
N ASP A 28 -3.29 1.78 12.78
CA ASP A 28 -2.74 0.60 13.48
C ASP A 28 -3.19 -0.75 12.88
N ASN A 29 -4.46 -0.89 12.54
CA ASN A 29 -4.95 -2.08 11.89
C ASN A 29 -4.24 -2.33 10.56
N ILE A 30 -4.17 -1.29 9.73
CA ILE A 30 -3.57 -1.46 8.42
C ILE A 30 -2.08 -1.79 8.57
N GLN A 31 -1.39 -1.15 9.50
CA GLN A 31 -0.01 -1.52 9.76
C GLN A 31 0.17 -2.99 10.12
N THR A 32 -0.73 -3.49 10.96
CA THR A 32 -0.62 -4.85 11.44
C THR A 32 -0.94 -5.79 10.27
N TRP A 33 -1.91 -5.44 9.44
CA TRP A 33 -2.28 -6.25 8.32
C TRP A 33 -1.11 -6.31 7.35
N LEU A 34 -0.43 -5.19 7.13
CA LEU A 34 0.68 -5.19 6.16
C LEU A 34 1.94 -5.85 6.71
N SER A 35 2.18 -5.73 8.01
CA SER A 35 3.42 -6.21 8.63
C SER A 35 3.65 -7.70 8.44
N GLY A 36 2.61 -8.48 8.63
CA GLY A 36 2.75 -9.89 8.43
C GLY A 36 3.07 -10.22 6.99
N ARG A 37 2.44 -9.54 6.05
CA ARG A 37 2.74 -9.78 4.65
C ARG A 37 4.16 -9.32 4.29
N ILE A 38 4.59 -8.21 4.87
CA ILE A 38 5.94 -7.76 4.68
C ILE A 38 6.91 -8.83 5.19
N LEU A 39 6.60 -9.42 6.35
CA LEU A 39 7.50 -10.40 6.93
C LEU A 39 7.61 -11.65 6.08
N LEU A 40 6.53 -12.09 5.45
CA LEU A 40 6.60 -13.25 4.59
C LEU A 40 7.56 -13.01 3.43
N ILE A 41 7.54 -11.80 2.89
CA ILE A 41 8.32 -11.50 1.68
C ILE A 41 9.78 -11.37 2.09
N GLU A 42 10.03 -10.69 3.18
CA GLU A 42 11.37 -10.64 3.73
C GLU A 42 11.95 -12.05 3.99
N ASN A 43 11.14 -12.93 4.56
CA ASN A 43 11.60 -14.26 4.88
C ASN A 43 11.90 -14.98 3.57
N ALA A 44 11.07 -14.82 2.54
CA ALA A 44 11.33 -15.47 1.26
C ALA A 44 12.65 -14.95 0.69
N ALA A 45 12.91 -13.67 0.81
CA ALA A 45 14.15 -13.10 0.37
C ALA A 45 15.36 -13.61 1.15
N GLN A 46 15.18 -13.79 2.45
CA GLN A 46 16.27 -14.30 3.27
C GLN A 46 16.61 -15.72 2.90
N ASN A 47 15.58 -16.52 2.68
CA ASN A 47 15.73 -17.90 2.26
C ASN A 47 16.31 -18.04 0.85
N ILE A 48 15.88 -17.19 -0.08
CA ILE A 48 16.42 -17.16 -1.43
C ILE A 48 17.90 -16.87 -1.39
N ALA A 49 18.31 -15.90 -0.58
CA ALA A 49 19.72 -15.58 -0.43
C ALA A 49 20.59 -16.71 0.17
N ILE A 50 19.97 -17.75 0.71
CA ILE A 50 20.70 -18.88 1.29
C ILE A 50 21.19 -19.71 0.12
N ASN A 51 20.30 -19.97 -0.84
CA ASN A 51 20.60 -20.77 -2.03
C ASN A 51 19.86 -20.27 -3.27
N PRO A 52 20.51 -19.39 -4.08
CA PRO A 52 19.72 -18.78 -5.15
C PRO A 52 19.56 -19.57 -6.45
N GLU A 53 19.97 -20.84 -6.47
CA GLU A 53 19.73 -21.69 -7.64
C GLU A 53 18.25 -21.67 -7.97
N PRO A 54 17.93 -21.65 -9.27
CA PRO A 54 16.55 -21.50 -9.70
C PRO A 54 15.61 -22.58 -9.24
N ALA A 55 16.09 -23.81 -9.10
CA ALA A 55 15.23 -24.87 -8.57
C ALA A 55 14.82 -24.58 -7.12
N ALA A 56 15.74 -24.08 -6.31
CA ALA A 56 15.44 -23.78 -4.92
C ALA A 56 14.42 -22.64 -4.86
N VAL A 57 14.64 -21.63 -5.71
CA VAL A 57 13.83 -20.42 -5.73
C VAL A 57 12.43 -20.79 -6.10
N ALA A 58 12.30 -21.58 -7.16
CA ALA A 58 10.96 -21.97 -7.56
C ALA A 58 10.26 -22.66 -6.39
N SER A 59 10.97 -23.51 -5.66
CA SER A 59 10.32 -24.38 -4.65
C SER A 59 9.84 -23.53 -3.45
N LEU A 60 10.66 -22.56 -3.08
CA LEU A 60 10.30 -21.56 -2.07
C LEU A 60 9.06 -20.79 -2.46
N LEU A 61 8.98 -20.37 -3.72
CA LEU A 61 7.91 -19.48 -4.14
C LEU A 61 6.62 -20.24 -4.34
N GLU A 62 6.70 -21.55 -4.49
CA GLU A 62 5.49 -22.38 -4.67
C GLU A 62 4.78 -22.74 -3.36
N GLN A 63 5.36 -22.39 -2.22
CA GLN A 63 4.75 -22.87 -0.96
C GLN A 63 3.45 -22.13 -0.64
N LYS A 64 2.51 -22.84 -0.03
CA LYS A 64 1.16 -22.36 0.20
C LYS A 64 1.06 -21.12 1.07
N ALA A 65 2.00 -20.90 1.98
CA ALA A 65 1.97 -19.65 2.79
C ALA A 65 2.07 -18.41 1.91
N LEU A 66 2.86 -18.50 0.83
CA LEU A 66 3.00 -17.43 -0.15
C LEU A 66 1.89 -17.39 -1.19
N THR A 67 1.59 -18.54 -1.79
CA THR A 67 0.58 -18.56 -2.82
C THR A 67 -0.82 -18.31 -2.33
N SER A 68 -1.10 -18.62 -1.08
CA SER A 68 -2.39 -18.23 -0.51
C SER A 68 -2.48 -16.76 -0.06
N THR A 69 -1.37 -16.08 0.15
CA THR A 69 -1.38 -14.71 0.66
C THR A 69 -1.26 -13.65 -0.45
N PHE A 70 -0.47 -13.96 -1.47
CA PHE A 70 -0.23 -13.06 -2.60
C PHE A 70 -0.83 -13.61 -3.89
N MET A 71 -1.23 -12.69 -4.77
CA MET A 71 -1.65 -13.08 -6.13
C MET A 71 -0.52 -13.83 -6.85
N ALA A 72 0.71 -13.37 -6.66
CA ALA A 72 1.91 -14.04 -7.11
C ALA A 72 3.10 -13.55 -6.29
N SER A 73 4.11 -14.40 -6.20
CA SER A 73 5.35 -14.03 -5.59
C SER A 73 6.40 -14.39 -6.61
N TYR A 74 7.53 -13.71 -6.55
CA TYR A 74 8.47 -13.80 -7.67
C TYR A 74 9.82 -13.26 -7.31
N LEU A 75 10.83 -13.67 -8.07
CA LEU A 75 12.18 -13.10 -8.00
C LEU A 75 12.52 -12.62 -9.41
N GLY A 76 13.18 -11.46 -9.49
CA GLY A 76 13.75 -10.97 -10.73
C GLY A 76 15.20 -10.63 -10.47
N ASP A 77 16.07 -10.83 -11.45
CA ASP A 77 17.48 -10.55 -11.19
C ASP A 77 18.05 -9.55 -12.18
N ALA A 78 19.30 -9.14 -11.95
CA ALA A 78 19.99 -8.14 -12.73
C ALA A 78 20.30 -8.56 -14.16
N THR A 79 20.10 -9.82 -14.51
CA THR A 79 20.22 -10.27 -15.91
C THR A 79 18.89 -10.27 -16.63
N GLY A 80 17.82 -9.96 -15.91
CA GLY A 80 16.48 -9.95 -16.49
C GLY A 80 15.69 -11.23 -16.39
N HIS A 81 16.27 -12.24 -15.76
CA HIS A 81 15.57 -13.53 -15.56
C HIS A 81 14.56 -13.32 -14.42
N PHE A 82 13.48 -14.09 -14.43
CA PHE A 82 12.47 -13.98 -13.40
C PHE A 82 11.85 -15.36 -13.18
N THR A 83 11.42 -15.62 -11.95
CA THR A 83 10.60 -16.78 -11.60
C THR A 83 9.39 -16.31 -10.85
N ILE A 84 8.23 -16.78 -11.30
CA ILE A 84 6.96 -16.38 -10.78
C ILE A 84 6.13 -17.61 -10.36
N ARG A 85 5.56 -17.57 -9.16
CA ARG A 85 4.61 -18.60 -8.76
C ARG A 85 3.40 -17.97 -8.08
N PRO A 86 2.19 -18.47 -8.40
CA PRO A 86 1.91 -19.40 -9.51
C PRO A 86 2.32 -18.81 -10.87
N ASP A 87 2.86 -19.66 -11.74
CA ASP A 87 3.33 -19.27 -13.07
C ASP A 87 2.26 -18.48 -13.81
N ALA A 88 2.67 -17.42 -14.50
CA ALA A 88 1.74 -16.70 -15.37
C ALA A 88 2.42 -16.37 -16.71
N LYS A 89 1.65 -16.41 -17.79
CA LYS A 89 2.09 -15.90 -19.11
C LYS A 89 2.34 -14.38 -19.05
N MET A 90 3.61 -13.98 -19.16
CA MET A 90 3.95 -12.55 -19.14
C MET A 90 3.96 -11.94 -20.55
N PRO A 91 3.78 -10.62 -20.68
CA PRO A 91 3.83 -10.03 -22.02
C PRO A 91 5.18 -10.24 -22.73
N ASP A 92 5.15 -10.31 -24.07
CA ASP A 92 6.41 -10.41 -24.83
C ASP A 92 7.33 -9.26 -24.45
N GLY A 93 8.58 -9.60 -24.17
CA GLY A 93 9.58 -8.63 -23.79
C GLY A 93 9.58 -8.24 -22.31
N PHE A 94 8.73 -8.85 -21.48
CA PHE A 94 8.68 -8.50 -20.06
C PHE A 94 10.07 -8.50 -19.43
N ASP A 95 10.42 -7.37 -18.81
CA ASP A 95 11.72 -7.23 -18.14
C ASP A 95 11.47 -6.76 -16.70
N PRO A 96 11.79 -7.59 -15.69
CA PRO A 96 11.50 -7.18 -14.31
C PRO A 96 12.30 -5.96 -13.88
N ARG A 97 13.43 -5.72 -14.52
CA ARG A 97 14.29 -4.62 -14.09
C ARG A 97 13.73 -3.23 -14.27
N VAL A 98 12.76 -3.07 -15.17
CA VAL A 98 12.16 -1.77 -15.41
C VAL A 98 10.85 -1.60 -14.65
N ARG A 99 10.41 -2.60 -13.88
CA ARG A 99 9.11 -2.54 -13.22
C ARG A 99 9.20 -1.82 -11.86
N PRO A 100 8.08 -1.25 -11.37
CA PRO A 100 8.19 -0.41 -10.16
C PRO A 100 8.60 -1.13 -8.87
N TRP A 101 8.21 -2.39 -8.74
CA TRP A 101 8.61 -3.16 -7.57
C TRP A 101 10.12 -3.33 -7.54
N TYR A 102 10.71 -3.52 -8.73
CA TYR A 102 12.13 -3.79 -8.82
C TYR A 102 12.95 -2.53 -8.56
N LYS A 103 12.63 -1.43 -9.23
CA LYS A 103 13.33 -0.18 -9.01
C LYS A 103 13.11 0.36 -7.60
N GLY A 104 11.90 0.20 -7.07
CA GLY A 104 11.63 0.55 -5.67
C GLY A 104 12.54 -0.19 -4.69
N ALA A 105 12.57 -1.51 -4.77
CA ALA A 105 13.43 -2.23 -3.87
C ALA A 105 14.90 -1.89 -4.04
N GLU A 106 15.36 -1.68 -5.26
CA GLU A 106 16.76 -1.40 -5.52
C GLU A 106 17.17 -0.04 -4.97
N SER A 107 16.23 0.89 -4.88
CA SER A 107 16.49 2.22 -4.35
C SER A 107 16.36 2.34 -2.83
N SER A 108 16.10 1.25 -2.12
CA SER A 108 15.95 1.32 -0.68
C SER A 108 16.89 0.35 0.01
N SER A 109 17.33 0.71 1.22
CA SER A 109 18.12 -0.20 2.02
C SER A 109 17.27 -1.26 2.73
N THR A 110 15.96 -1.16 2.63
CA THR A 110 15.10 -2.14 3.28
C THR A 110 13.98 -2.56 2.33
N SER A 111 13.01 -3.30 2.85
CA SER A 111 11.82 -3.62 2.10
CA SER A 111 11.85 -3.62 2.05
C SER A 111 11.07 -2.34 1.77
N THR A 112 10.22 -2.43 0.77
CA THR A 112 9.41 -1.29 0.39
C THR A 112 8.06 -1.77 -0.10
N LEU A 113 7.14 -0.83 -0.26
CA LEU A 113 5.86 -1.08 -0.87
C LEU A 113 5.69 -0.10 -2.00
N THR A 114 5.11 -0.56 -3.10
CA THR A 114 4.84 0.30 -4.25
C THR A 114 3.54 1.07 -4.05
N GLU A 115 3.44 2.18 -4.76
CA GLU A 115 2.16 2.76 -5.07
C GLU A 115 1.38 1.88 -6.05
N PRO A 116 0.07 2.08 -6.14
CA PRO A 116 -0.67 1.29 -7.13
C PRO A 116 -0.11 1.44 -8.53
N TYR A 117 -0.03 0.34 -9.28
CA TYR A 117 0.42 0.35 -10.67
C TYR A 117 -0.34 -0.77 -11.38
N ILE A 118 -0.20 -0.84 -12.69
CA ILE A 118 -0.89 -1.86 -13.50
C ILE A 118 -0.10 -3.15 -13.58
N ASP A 119 -0.67 -4.21 -13.03
CA ASP A 119 0.01 -5.53 -13.03
C ASP A 119 0.34 -6.07 -14.41
N ALA A 120 1.59 -6.44 -14.67
CA ALA A 120 1.93 -7.02 -15.98
C ALA A 120 1.27 -8.37 -16.20
N ALA A 121 1.02 -9.09 -15.13
CA ALA A 121 0.39 -10.41 -15.20
C ALA A 121 -1.09 -10.30 -15.49
N THR A 122 -1.86 -9.68 -14.61
CA THR A 122 -3.32 -9.73 -14.74
C THR A 122 -3.90 -8.51 -15.40
N GLY A 123 -3.15 -7.42 -15.52
CA GLY A 123 -3.72 -6.23 -16.15
C GLY A 123 -4.55 -5.36 -15.23
N GLN A 124 -4.64 -5.75 -13.96
CA GLN A 124 -5.37 -4.95 -12.98
C GLN A 124 -4.44 -4.15 -12.05
N THR A 125 -5.02 -3.13 -11.43
CA THR A 125 -4.28 -2.29 -10.49
C THR A 125 -3.96 -3.00 -9.16
N ILE A 126 -2.68 -2.98 -8.78
CA ILE A 126 -2.15 -3.73 -7.67
C ILE A 126 -1.15 -2.88 -6.88
N ILE A 127 -0.80 -3.30 -5.68
CA ILE A 127 0.46 -2.86 -5.09
C ILE A 127 1.34 -4.10 -4.87
N SER A 128 2.62 -3.86 -4.68
CA SER A 128 3.52 -4.97 -4.40
C SER A 128 4.33 -4.62 -3.18
N ILE A 129 4.71 -5.68 -2.47
CA ILE A 129 5.73 -5.60 -1.43
C ILE A 129 6.99 -6.20 -2.03
N ALA A 130 8.12 -5.54 -1.86
CA ALA A 130 9.34 -6.05 -2.44
C ALA A 130 10.59 -5.73 -1.64
N THR A 131 11.57 -6.60 -1.77
CA THR A 131 12.83 -6.39 -1.10
C THR A 131 13.97 -7.03 -1.87
N ALA A 132 15.14 -6.43 -1.79
CA ALA A 132 16.34 -7.01 -2.37
C ALA A 132 16.79 -8.19 -1.53
N ALA A 133 17.07 -9.33 -2.18
CA ALA A 133 17.62 -10.52 -1.52
C ALA A 133 19.15 -10.44 -1.52
N LYS A 134 19.73 -10.23 -0.35
CA LYS A 134 21.17 -9.99 -0.20
C LYS A 134 21.90 -11.17 0.47
N LYS A 135 23.07 -11.55 -0.07
CA LYS A 135 23.98 -12.49 0.57
C LYS A 135 25.21 -11.71 1.01
N ALA A 136 25.26 -11.40 2.30
CA ALA A 136 26.35 -10.61 2.89
C ALA A 136 26.61 -9.34 2.08
N GLY A 137 25.68 -8.41 2.10
CA GLY A 137 25.88 -7.09 1.49
C GLY A 137 25.69 -7.00 -0.03
N GLN A 138 25.77 -8.14 -0.71
CA GLN A 138 25.61 -8.22 -2.16
C GLN A 138 24.18 -8.64 -2.51
N SER A 139 23.47 -7.84 -3.30
CA SER A 139 22.12 -8.21 -3.74
C SER A 139 22.16 -9.27 -4.84
N VAL A 140 21.41 -10.36 -4.68
CA VAL A 140 21.20 -11.36 -5.71
C VAL A 140 19.88 -11.22 -6.48
N GLY A 141 19.16 -10.10 -6.31
CA GLY A 141 17.87 -9.94 -6.95
C GLY A 141 16.82 -9.33 -6.04
N VAL A 142 15.60 -9.19 -6.57
CA VAL A 142 14.54 -8.52 -5.85
C VAL A 142 13.39 -9.51 -5.80
N VAL A 143 12.85 -9.70 -4.60
CA VAL A 143 11.72 -10.59 -4.36
C VAL A 143 10.47 -9.74 -4.10
N GLY A 144 9.35 -10.11 -4.69
CA GLY A 144 8.16 -9.33 -4.50
C GLY A 144 6.95 -10.22 -4.39
N GLY A 145 5.87 -9.62 -3.90
CA GLY A 145 4.55 -10.26 -3.91
C GLY A 145 3.48 -9.23 -4.19
N ASP A 146 2.44 -9.67 -4.87
CA ASP A 146 1.42 -8.77 -5.32
C ASP A 146 0.16 -8.89 -4.48
N LEU A 147 -0.47 -7.76 -4.21
CA LEU A 147 -1.78 -7.63 -3.57
C LEU A 147 -2.69 -6.75 -4.43
N SER A 148 -3.94 -7.15 -4.60
CA SER A 148 -4.84 -6.44 -5.47
C SER A 148 -5.36 -5.18 -4.78
N LEU A 149 -5.70 -4.19 -5.61
CA LEU A 149 -6.36 -3.01 -5.09
C LEU A 149 -7.65 -3.36 -4.36
N GLN A 150 -8.43 -4.28 -4.95
CA GLN A 150 -9.68 -4.67 -4.34
C GLN A 150 -9.46 -5.20 -2.95
N THR A 151 -8.41 -5.98 -2.77
CA THR A 151 -8.02 -6.42 -1.43
C THR A 151 -7.75 -5.26 -0.48
N LEU A 152 -7.06 -4.23 -0.95
CA LEU A 152 -6.72 -3.10 -0.06
C LEU A 152 -7.98 -2.31 0.28
N ILE A 153 -8.83 -2.10 -0.73
CA ILE A 153 -10.11 -1.41 -0.56
C ILE A 153 -10.98 -2.15 0.46
N ASN A 154 -11.09 -3.47 0.35
CA ASN A 154 -11.84 -4.23 1.36
C ASN A 154 -11.23 -4.13 2.75
N THR A 155 -9.90 -4.15 2.86
CA THR A 155 -9.29 -4.07 4.19
C THR A 155 -9.67 -2.75 4.84
N LEU A 156 -9.70 -1.68 4.05
CA LEU A 156 -10.01 -0.34 4.53
C LEU A 156 -11.49 -0.16 4.90
N SER A 157 -12.40 -0.68 4.09
CA SER A 157 -13.82 -0.51 4.37
C SER A 157 -14.38 -1.41 5.48
N ALA A 158 -13.57 -2.29 6.05
CA ALA A 158 -14.05 -3.19 7.10
C ALA A 158 -14.65 -2.45 8.29
N ARG A 159 -13.92 -1.49 8.86
CA ARG A 159 -14.36 -0.76 10.05
C ARG A 159 -14.82 0.66 9.71
N GLY A 163 -21.84 5.02 10.43
CA GLY A 163 -22.22 5.65 9.17
C GLY A 163 -21.83 7.12 9.08
N MET A 164 -20.94 7.59 9.96
CA MET A 164 -20.32 8.92 9.86
C MET A 164 -19.51 9.15 8.58
N GLY A 165 -18.68 8.15 8.24
CA GLY A 165 -17.69 8.32 7.19
C GLY A 165 -16.90 7.09 6.79
N TYR A 166 -15.73 7.34 6.20
CA TYR A 166 -14.93 6.30 5.58
C TYR A 166 -13.45 6.70 5.64
N ALA A 167 -12.59 5.69 5.57
CA ALA A 167 -11.14 5.86 5.46
C ALA A 167 -10.63 5.67 4.03
N PHE A 168 -9.52 6.34 3.75
CA PHE A 168 -8.75 6.10 2.53
C PHE A 168 -7.29 6.21 2.86
N LEU A 169 -6.46 5.77 1.92
CA LEU A 169 -5.02 5.75 2.09
C LEU A 169 -4.42 6.76 1.13
N VAL A 170 -3.54 7.62 1.64
CA VAL A 170 -2.96 8.71 0.86
CA VAL A 170 -2.95 8.73 0.88
C VAL A 170 -1.45 8.77 1.16
N SER A 171 -0.63 8.97 0.12
CA SER A 171 0.80 9.13 0.34
C SER A 171 1.07 10.44 1.05
N ALA A 172 2.24 10.57 1.61
CA ALA A 172 2.64 11.85 2.21
C ALA A 172 2.94 12.90 1.13
N ASP A 173 2.91 12.56 -0.16
CA ASP A 173 2.99 13.56 -1.21
C ASP A 173 1.61 14.10 -1.55
N GLY A 174 0.55 13.65 -0.86
CA GLY A 174 -0.82 14.03 -1.19
C GLY A 174 -1.50 13.24 -2.32
N LYS A 175 -0.95 12.10 -2.74
CA LYS A 175 -1.61 11.28 -3.76
C LYS A 175 -2.51 10.21 -3.13
N ILE A 176 -3.80 10.24 -3.45
CA ILE A 176 -4.71 9.20 -3.01
C ILE A 176 -4.29 7.87 -3.62
N LEU A 177 -4.06 6.89 -2.76
CA LEU A 177 -3.61 5.58 -3.21
C LEU A 177 -4.77 4.57 -3.28
N VAL A 178 -5.61 4.52 -2.25
CA VAL A 178 -6.70 3.54 -2.12
C VAL A 178 -7.89 4.29 -1.56
N HIS A 179 -9.03 4.16 -2.23
CA HIS A 179 -10.21 4.98 -1.91
C HIS A 179 -11.41 4.14 -2.32
N PRO A 180 -12.52 4.21 -1.57
CA PRO A 180 -13.67 3.39 -1.93
C PRO A 180 -14.27 3.85 -3.24
N ASP A 181 -14.21 5.14 -3.53
CA ASP A 181 -14.44 5.62 -4.88
C ASP A 181 -13.20 5.40 -5.78
N LYS A 182 -13.28 4.38 -6.63
CA LYS A 182 -12.22 4.01 -7.56
C LYS A 182 -11.81 5.09 -8.55
N ALA A 183 -12.70 6.03 -8.82
CA ALA A 183 -12.33 7.14 -9.70
C ALA A 183 -11.25 8.03 -9.08
N LEU A 184 -11.08 8.01 -7.74
CA LEU A 184 -10.13 8.88 -7.08
C LEU A 184 -8.78 8.22 -6.82
N VAL A 185 -8.67 6.94 -7.16
CA VAL A 185 -7.42 6.21 -7.00
C VAL A 185 -6.34 6.88 -7.87
N MET A 186 -5.22 7.18 -7.23
CA MET A 186 -4.08 7.79 -7.88
C MET A 186 -4.36 9.19 -8.39
N LYS A 187 -5.30 9.88 -7.77
CA LYS A 187 -5.43 11.33 -7.94
C LYS A 187 -4.85 12.05 -6.73
N SER A 188 -4.24 13.21 -6.97
CA SER A 188 -3.89 14.12 -5.88
C SER A 188 -5.12 14.61 -5.14
N LEU A 189 -4.93 15.00 -3.87
CA LEU A 189 -6.01 15.64 -3.12
C LEU A 189 -6.61 16.81 -3.87
N LYS A 190 -5.78 17.60 -4.54
CA LYS A 190 -6.27 18.75 -5.25
C LYS A 190 -7.18 18.33 -6.40
N GLU A 191 -6.74 17.35 -7.18
CA GLU A 191 -7.50 16.87 -8.33
C GLU A 191 -8.77 16.17 -7.85
N ALA A 192 -8.70 15.48 -6.71
CA ALA A 192 -9.86 14.75 -6.22
C ALA A 192 -10.89 15.67 -5.58
N TYR A 193 -10.45 16.75 -4.94
CA TYR A 193 -11.31 17.69 -4.20
C TYR A 193 -11.01 19.11 -4.71
N PRO A 194 -11.41 19.36 -5.96
CA PRO A 194 -10.99 20.62 -6.57
C PRO A 194 -11.67 21.85 -5.96
N GLN A 195 -12.87 21.69 -5.42
CA GLN A 195 -13.68 22.83 -5.01
C GLN A 195 -13.25 23.36 -3.65
N ASP A 196 -12.63 22.51 -2.83
CA ASP A 196 -12.27 22.84 -1.46
C ASP A 196 -11.36 21.71 -0.95
N THR A 197 -10.05 21.94 -0.89
CA THR A 197 -9.09 20.83 -0.84
C THR A 197 -8.59 20.58 0.59
N PRO A 198 -8.76 19.36 1.12
CA PRO A 198 -8.17 19.10 2.42
C PRO A 198 -6.66 19.14 2.34
N ARG A 199 -6.04 19.53 3.46
CA ARG A 199 -4.59 19.76 3.54
C ARG A 199 -4.03 18.87 4.63
N ILE A 200 -3.05 18.08 4.24
CA ILE A 200 -2.36 17.20 5.20
C ILE A 200 -1.61 18.07 6.23
N SER A 201 -1.25 19.30 5.88
CA SER A 201 -0.61 20.19 6.85
C SER A 201 -1.53 20.72 7.96
N SER A 202 -2.85 20.48 7.86
CA SER A 202 -3.80 20.90 8.89
C SER A 202 -4.27 19.69 9.66
N ASP A 203 -4.42 19.85 10.96
CA ASP A 203 -4.96 18.74 11.78
C ASP A 203 -6.37 18.35 11.31
N PHE A 204 -7.20 19.35 11.03
CA PHE A 204 -8.51 19.10 10.44
C PHE A 204 -8.79 20.03 9.27
N SER A 205 -9.41 19.49 8.24
CA SER A 205 -9.88 20.30 7.13
C SER A 205 -11.38 20.14 7.04
N GLU A 206 -12.07 21.27 7.09
CA GLU A 206 -13.52 21.30 6.91
C GLU A 206 -13.68 21.71 5.48
N VAL A 207 -14.27 20.82 4.67
CA VAL A 207 -14.42 21.04 3.25
C VAL A 207 -15.83 20.66 2.82
N THR A 208 -16.35 21.43 1.87
CA THR A 208 -17.68 21.18 1.35
C THR A 208 -17.57 20.20 0.20
N VAL A 209 -18.33 19.11 0.27
CA VAL A 209 -18.46 18.12 -0.79
C VAL A 209 -19.95 17.95 -1.11
N ASP A 210 -20.35 18.12 -2.37
CA ASP A 210 -21.76 18.01 -2.77
C ASP A 210 -22.71 18.80 -1.84
N GLY A 211 -22.33 20.03 -1.51
CA GLY A 211 -23.17 20.88 -0.66
C GLY A 211 -23.24 20.51 0.80
N LYS A 212 -22.45 19.51 1.25
CA LYS A 212 -22.33 19.17 2.67
C LYS A 212 -20.92 19.41 3.23
N THR A 213 -20.82 19.86 4.48
CA THR A 213 -19.51 19.96 5.14
C THR A 213 -19.02 18.59 5.62
N ARG A 214 -17.82 18.20 5.18
CA ARG A 214 -17.10 17.04 5.71
C ARG A 214 -15.89 17.48 6.53
N ILE A 215 -15.54 16.69 7.52
CA ILE A 215 -14.32 16.92 8.28
C ILE A 215 -13.32 15.84 7.89
N VAL A 216 -12.12 16.26 7.48
CA VAL A 216 -11.05 15.35 7.02
C VAL A 216 -9.83 15.55 7.91
N ASN A 217 -9.32 14.43 8.45
CA ASN A 217 -7.98 14.40 9.06
C ASN A 217 -7.12 13.28 8.50
N PHE A 218 -5.85 13.31 8.86
CA PHE A 218 -4.86 12.40 8.28
C PHE A 218 -4.04 11.87 9.43
N THR A 219 -3.84 10.56 9.47
CA THR A 219 -3.08 9.89 10.50
C THR A 219 -1.94 9.09 9.87
N PRO A 220 -0.70 9.35 10.29
CA PRO A 220 0.42 8.58 9.75
C PRO A 220 0.36 7.09 10.08
N ILE A 221 0.79 6.25 9.15
CA ILE A 221 0.75 4.81 9.41
C ILE A 221 2.17 4.48 9.79
N LYS A 222 2.38 4.14 11.06
CA LYS A 222 3.68 3.90 11.62
C LYS A 222 4.12 2.49 11.27
N GLY A 223 5.44 2.28 11.25
CA GLY A 223 6.03 0.97 11.10
C GLY A 223 6.03 0.35 9.71
N LEU A 224 5.75 1.11 8.66
CA LEU A 224 6.00 0.63 7.32
C LEU A 224 7.44 0.90 6.92
N PRO A 225 8.04 -0.06 6.20
CA PRO A 225 9.37 0.18 5.69
C PRO A 225 9.33 1.04 4.42
N SER A 226 10.21 2.05 4.38
CA SER A 226 10.52 2.85 3.21
C SER A 226 9.50 3.92 2.85
N VAL A 227 8.23 3.74 3.15
CA VAL A 227 7.20 4.66 2.66
C VAL A 227 6.57 5.43 3.81
N ASN A 228 6.05 6.62 3.54
CA ASN A 228 5.38 7.42 4.53
C ASN A 228 3.99 7.69 3.98
N TRP A 229 3.01 6.97 4.51
CA TRP A 229 1.63 7.03 4.02
C TRP A 229 0.74 7.40 5.19
N TYR A 230 -0.43 7.95 4.89
CA TYR A 230 -1.43 8.32 5.88
C TYR A 230 -2.75 7.58 5.64
N ILE A 231 -3.50 7.38 6.71
CA ILE A 231 -4.92 7.14 6.63
C ILE A 231 -5.62 8.49 6.68
N GLY A 232 -6.45 8.74 5.68
CA GLY A 232 -7.41 9.83 5.66
C GLY A 232 -8.73 9.32 6.16
N LEU A 233 -9.39 10.10 7.03
CA LEU A 233 -10.79 9.85 7.40
C LEU A 233 -11.61 11.07 6.98
N SER A 234 -12.73 10.81 6.34
CA SER A 234 -13.64 11.85 5.95
C SER A 234 -15.02 11.55 6.54
N VAL A 235 -15.54 12.47 7.34
CA VAL A 235 -16.87 12.25 7.95
C VAL A 235 -17.79 13.41 7.68
N ASP A 236 -19.06 13.09 7.44
CA ASP A 236 -20.10 14.12 7.36
C ASP A 236 -20.17 14.88 8.69
N LYS A 237 -20.12 16.20 8.60
CA LYS A 237 -20.00 17.05 9.80
C LYS A 237 -21.29 17.01 10.64
N ASP A 238 -22.46 17.05 10.02
CA ASP A 238 -23.71 16.93 10.80
C ASP A 238 -23.80 15.59 11.53
N LYS A 239 -23.67 14.49 10.79
CA LYS A 239 -23.73 13.14 11.42
C LYS A 239 -22.71 12.98 12.56
N ALA A 240 -21.48 13.46 12.35
CA ALA A 240 -20.46 13.38 13.38
C ALA A 240 -20.89 14.10 14.68
N PHE A 241 -21.34 15.36 14.55
CA PHE A 241 -21.83 16.12 15.72
C PHE A 241 -23.02 15.41 16.36
N SER A 242 -23.91 14.87 15.52
CA SER A 242 -25.03 14.05 15.97
C SER A 242 -24.65 12.64 16.43
N LEU B . 3.44 -7.51 -10.54
CA LEU B . 4.52 -7.82 -11.47
C LEU B . 4.65 -6.68 -12.49
O LEU B . 5.77 -6.39 -12.89
CB LEU B . 4.24 -9.09 -12.29
CG LEU B . 4.90 -10.45 -12.06
CD1 LEU B . 3.98 -11.36 -11.28
CD2 LEU B . 6.33 -10.41 -11.52
OXT LEU B . 3.64 -6.06 -12.89
#